data_7GTU
#
_entry.id   7GTU
#
_cell.length_a   89.610
_cell.length_b   89.610
_cell.length_c   106.127
_cell.angle_alpha   90.000
_cell.angle_beta   90.000
_cell.angle_gamma   120.000
#
_symmetry.space_group_name_H-M   'P 31 2 1'
#
loop_
_entity.id
_entity.type
_entity.pdbx_description
1 polymer 'Tyrosine-protein phosphatase non-receptor type 1'
2 non-polymer 2-AMINO-2-HYDROXYMETHYL-PROPANE-1,3-DIOL
3 non-polymer '2-[(2-acetylphenyl)sulfanyl]benzoic acid'
4 water water
#
_entity_poly.entity_id   1
_entity_poly.type   'polypeptide(L)'
_entity_poly.pdbx_seq_one_letter_code
;MEMEKEFEQIDKSGSWAAIYQDIRHEASDFPSRVAKLPKNKNRNRYRDVSPFDHSRIKLHQEDNDYINASLIKMEEAQRS
YILTQGPLPNTVGHFWEMVWEQKSRGVVMLNRVMEKGSLKCAQYWPQKEEKEMIFEDTNLKLTLISEDIKSYYTVRQLEL
ENLTTQETREILHFHYTTWPDFGVPESPASFLNFLFKVRESGSLSPEHGPVVVHCSAGIGRSGTFCLADTCLLLMDKRKD
PSSVDIKKVLLEMRKFRMGLIQTADQLRFSYLAVIEGAKFIMGDSSVQDQWKELSHEDLEPPPEHIPPPPRPPKRILEPH
N
;
_entity_poly.pdbx_strand_id   A
#
loop_
_chem_comp.id
_chem_comp.type
_chem_comp.name
_chem_comp.formula
8YM non-polymer '2-[(2-acetylphenyl)sulfanyl]benzoic acid' 'C15 H12 O3 S'
TRS non-polymer 2-AMINO-2-HYDROXYMETHYL-PROPANE-1,3-DIOL 'C4 H12 N O3 1'
#
# COMPACT_ATOMS: atom_id res chain seq x y z
N MET A 1 -18.68 20.15 -3.39
CA MET A 1 -19.84 19.29 -3.75
C MET A 1 -19.75 17.97 -2.95
N GLU A 2 -20.76 17.68 -2.11
CA GLU A 2 -20.92 16.37 -1.41
C GLU A 2 -20.62 15.25 -2.42
N MET A 3 -19.57 14.48 -2.16
CA MET A 3 -19.08 13.40 -3.07
C MET A 3 -20.21 12.42 -3.39
N GLU A 4 -21.14 12.18 -2.46
CA GLU A 4 -22.31 11.26 -2.62
C GLU A 4 -23.24 11.72 -3.76
N LYS A 5 -23.27 13.03 -4.04
CA LYS A 5 -24.09 13.61 -5.15
C LYS A 5 -23.25 13.62 -6.42
N GLU A 6 -22.00 14.07 -6.34
CA GLU A 6 -21.02 13.91 -7.44
C GLU A 6 -21.06 12.45 -7.91
N PHE A 7 -21.08 11.48 -6.99
CA PHE A 7 -21.10 10.03 -7.29
C PHE A 7 -22.29 9.70 -8.21
N GLU A 8 -23.50 9.98 -7.73
CA GLU A 8 -24.78 9.68 -8.42
C GLU A 8 -24.84 10.38 -9.79
N GLN A 9 -24.36 11.62 -9.87
CA GLN A 9 -24.22 12.39 -11.15
C GLN A 9 -23.30 11.68 -12.13
N ILE A 10 -22.10 11.21 -11.72
CA ILE A 10 -21.16 10.50 -12.63
C ILE A 10 -21.82 9.17 -13.03
N ASP A 11 -22.47 8.48 -12.07
CA ASP A 11 -23.08 7.15 -12.30
C ASP A 11 -24.17 7.30 -13.36
N LYS A 12 -25.11 8.22 -13.16
CA LYS A 12 -26.29 8.37 -14.05
C LYS A 12 -25.82 8.82 -15.43
N SER A 13 -24.72 9.56 -15.53
CA SER A 13 -24.16 10.01 -16.82
C SER A 13 -23.18 8.98 -17.41
N GLY A 14 -22.85 7.90 -16.70
CA GLY A 14 -21.81 6.93 -17.08
C GLY A 14 -20.53 7.61 -17.57
N SER A 15 -19.94 8.52 -16.77
CA SER A 15 -18.70 9.24 -17.18
C SER A 15 -17.48 8.89 -16.32
N TRP A 16 -17.42 7.70 -15.71
CA TRP A 16 -16.27 7.27 -14.87
C TRP A 16 -15.00 7.27 -15.72
N ALA A 17 -15.04 6.72 -16.94
CA ALA A 17 -13.86 6.61 -17.82
C ALA A 17 -13.32 8.01 -18.16
N ALA A 18 -14.21 9.00 -18.28
CA ALA A 18 -13.88 10.40 -18.60
C ALA A 18 -13.26 11.11 -17.38
N ILE A 19 -13.86 10.99 -16.18
CA ILE A 19 -13.24 11.51 -14.92
C ILE A 19 -11.82 10.93 -14.79
N TYR A 20 -11.67 9.61 -15.01
CA TYR A 20 -10.39 8.88 -14.75
C TYR A 20 -9.32 9.47 -15.67
N GLN A 21 -9.62 9.62 -16.97
CA GLN A 21 -8.64 10.16 -17.95
C GLN A 21 -8.25 11.59 -17.61
N ASP A 22 -9.16 12.39 -17.06
CA ASP A 22 -8.84 13.77 -16.57
C ASP A 22 -7.73 13.70 -15.49
N ILE A 23 -7.86 12.77 -14.55
CA ILE A 23 -6.82 12.56 -13.50
C ILE A 23 -5.50 12.16 -14.18
N ARG A 24 -5.55 11.20 -15.10
CA ARG A 24 -4.32 10.71 -15.77
C ARG A 24 -3.66 11.92 -16.45
N HIS A 25 -4.45 12.81 -17.04
CA HIS A 25 -3.91 13.97 -17.81
C HIS A 25 -3.22 14.97 -16.87
N GLU A 26 -3.79 15.27 -15.71
CA GLU A 26 -3.27 16.30 -14.77
C GLU A 26 -2.18 15.74 -13.83
N ALA A 27 -1.89 14.45 -13.88
CA ALA A 27 -1.03 13.78 -12.89
C ALA A 27 0.39 14.31 -13.06
N SER A 28 1.13 14.44 -11.96
CA SER A 28 2.55 14.84 -11.94
C SER A 28 3.41 13.90 -12.79
N ASP A 29 4.49 14.43 -13.37
CA ASP A 29 5.52 13.63 -14.06
C ASP A 29 6.87 14.09 -13.54
N PHE A 30 7.59 13.23 -12.81
CA PHE A 30 8.88 13.59 -12.20
C PHE A 30 9.85 12.55 -12.72
N PRO A 31 11.16 12.84 -12.73
CA PRO A 31 12.14 11.86 -13.16
C PRO A 31 12.26 10.63 -12.22
N SER A 32 12.60 9.49 -12.83
CA SER A 32 12.86 8.14 -12.24
C SER A 32 14.19 7.59 -12.74
N ARG A 33 15.25 8.35 -12.61
CA ARG A 33 16.54 8.05 -13.27
C ARG A 33 17.21 6.88 -12.54
N VAL A 34 17.21 6.86 -11.21
CA VAL A 34 17.86 5.72 -10.49
C VAL A 34 17.21 4.38 -10.91
N ALA A 35 15.87 4.31 -10.93
CA ALA A 35 15.10 3.09 -11.28
C ALA A 35 15.55 2.53 -12.64
N LYS A 36 15.95 3.41 -13.56
CA LYS A 36 16.16 3.00 -14.98
C LYS A 36 17.63 2.65 -15.21
N LEU A 37 18.52 2.88 -14.25
CA LEU A 37 19.93 2.45 -14.39
C LEU A 37 19.99 0.95 -14.70
N PRO A 38 20.92 0.55 -15.60
CA PRO A 38 21.08 -0.86 -15.98
C PRO A 38 21.38 -1.80 -14.81
N LYS A 39 22.16 -1.39 -13.81
CA LYS A 39 22.39 -2.23 -12.61
C LYS A 39 21.07 -2.57 -11.88
N ASN A 40 19.92 -1.92 -12.15
CA ASN A 40 18.71 -2.04 -11.29
C ASN A 40 17.62 -2.80 -12.07
N LYS A 41 17.97 -3.29 -13.25
CA LYS A 41 16.91 -3.88 -14.12
C LYS A 41 16.24 -5.08 -13.42
N ASN A 42 16.99 -5.92 -12.73
CA ASN A 42 16.37 -7.11 -12.07
C ASN A 42 15.73 -6.74 -10.72
N ARG A 43 15.72 -5.45 -10.30
CA ARG A 43 15.08 -4.99 -9.03
C ARG A 43 13.67 -4.48 -9.33
N ASN A 44 13.24 -4.51 -10.59
CA ASN A 44 11.93 -3.93 -11.00
C ASN A 44 11.06 -5.03 -11.58
N ARG A 45 9.85 -5.15 -11.08
CA ARG A 45 8.92 -6.19 -11.55
C ARG A 45 8.35 -5.77 -12.91
N TYR A 46 8.01 -4.50 -13.07
CA TYR A 46 7.34 -3.99 -14.30
C TYR A 46 8.17 -2.80 -14.81
N ARG A 47 8.43 -2.81 -16.12
CA ARG A 47 9.24 -1.80 -16.85
C ARG A 47 8.56 -0.42 -16.78
N ASP A 48 7.24 -0.34 -16.73
CA ASP A 48 6.49 0.95 -16.76
C ASP A 48 6.05 1.37 -15.34
N VAL A 49 6.52 0.74 -14.27
CA VAL A 49 6.19 1.20 -12.88
C VAL A 49 7.48 1.42 -12.12
N SER A 50 7.80 2.70 -11.84
CA SER A 50 9.05 3.10 -11.17
C SER A 50 8.77 4.13 -10.12
N PRO A 51 9.59 4.15 -9.05
CA PRO A 51 9.54 5.25 -8.08
C PRO A 51 10.22 6.50 -8.65
N PHE A 52 9.65 7.67 -8.38
CA PHE A 52 10.28 8.99 -8.65
C PHE A 52 11.53 9.07 -7.80
N ASP A 53 12.57 9.74 -8.31
CA ASP A 53 13.85 9.96 -7.56
C ASP A 53 13.59 10.74 -6.26
N HIS A 54 12.69 11.72 -6.24
CA HIS A 54 12.60 12.67 -5.08
C HIS A 54 11.97 11.96 -3.86
N SER A 55 11.11 10.95 -4.08
CA SER A 55 10.31 10.27 -3.02
C SER A 55 10.72 8.80 -2.85
N ARG A 56 11.80 8.32 -3.48
CA ARG A 56 12.15 6.87 -3.42
C ARG A 56 12.74 6.55 -2.04
N ILE A 57 12.47 5.35 -1.53
CA ILE A 57 13.09 4.87 -0.27
C ILE A 57 14.50 4.39 -0.62
N LYS A 58 15.50 4.88 0.11
CA LYS A 58 16.91 4.47 0.00
C LYS A 58 17.27 3.40 1.04
N LEU A 59 17.77 2.25 0.56
CA LEU A 59 18.39 1.25 1.48
C LEU A 59 19.68 1.85 2.08
N HIS A 60 19.98 1.55 3.34
CA HIS A 60 21.18 2.06 4.08
C HIS A 60 22.35 1.13 3.80
N GLN A 61 22.83 1.11 2.55
CA GLN A 61 24.06 0.38 2.19
C GLN A 61 24.72 1.09 1.01
N GLU A 62 26.05 1.09 1.01
CA GLU A 62 26.89 1.83 0.03
C GLU A 62 26.88 1.12 -1.33
N ASP A 63 26.70 -0.20 -1.32
CA ASP A 63 26.74 -1.09 -2.52
C ASP A 63 25.71 -0.61 -3.57
N ASN A 64 24.42 -0.79 -3.30
CA ASN A 64 23.31 -0.33 -4.16
C ASN A 64 22.14 -0.01 -3.24
N ASP A 65 21.70 1.25 -3.21
CA ASP A 65 20.67 1.73 -2.26
C ASP A 65 19.25 1.59 -2.84
N TYR A 66 19.09 0.93 -3.99
CA TYR A 66 17.83 1.00 -4.79
C TYR A 66 16.83 -0.09 -4.36
N ILE A 67 15.57 0.32 -4.14
CA ILE A 67 14.37 -0.58 -4.07
C ILE A 67 13.20 0.13 -4.74
N ASN A 68 12.35 -0.61 -5.43
CA ASN A 68 11.12 -0.04 -6.04
C ASN A 68 10.09 0.21 -4.93
N ALA A 69 10.22 1.35 -4.23
CA ALA A 69 9.39 1.78 -3.09
C ALA A 69 9.41 3.32 -3.00
N SER A 70 8.28 3.92 -2.60
CA SER A 70 8.01 5.38 -2.53
C SER A 70 7.40 5.79 -1.17
N LEU A 71 7.88 6.89 -0.59
CA LEU A 71 7.26 7.51 0.60
C LEU A 71 6.16 8.48 0.21
N ILE A 72 4.91 8.15 0.55
CA ILE A 72 3.75 9.02 0.30
C ILE A 72 3.52 9.80 1.61
N LYS A 73 3.88 11.09 1.69
CA LYS A 73 3.74 11.90 2.94
C LYS A 73 2.53 12.83 2.84
N MET A 74 1.43 12.55 3.57
CA MET A 74 0.19 13.35 3.48
C MET A 74 0.21 14.36 4.64
N GLU A 75 0.53 15.60 4.32
CA GLU A 75 0.88 16.64 5.33
C GLU A 75 -0.34 17.00 6.20
N GLU A 76 -1.47 17.36 5.59
CA GLU A 76 -2.70 17.78 6.34
C GLU A 76 -3.24 16.62 7.19
N ALA A 77 -3.31 15.41 6.63
CA ALA A 77 -3.84 14.22 7.35
C ALA A 77 -2.85 13.76 8.41
N GLN A 78 -1.56 14.15 8.34
CA GLN A 78 -0.52 13.65 9.27
C GLN A 78 -0.45 12.12 9.19
N ARG A 79 -0.48 11.54 7.98
CA ARG A 79 -0.17 10.11 7.73
C ARG A 79 0.91 9.98 6.66
N SER A 80 1.80 9.02 6.81
CA SER A 80 2.79 8.58 5.80
C SER A 80 2.54 7.09 5.48
N TYR A 81 2.80 6.71 4.24
CA TYR A 81 2.75 5.30 3.74
C TYR A 81 3.98 5.06 2.86
N ILE A 82 4.53 3.86 2.91
CA ILE A 82 5.48 3.33 1.90
C ILE A 82 4.69 2.41 0.98
N LEU A 83 4.57 2.78 -0.29
CA LEU A 83 3.99 1.88 -1.33
C LEU A 83 5.13 1.22 -2.15
N THR A 84 5.06 -0.10 -2.26
CA THR A 84 6.13 -0.88 -2.94
C THR A 84 5.49 -1.97 -3.82
N GLN A 85 6.29 -2.48 -4.74
CA GLN A 85 5.90 -3.66 -5.54
C GLN A 85 5.91 -4.92 -4.65
N GLY A 86 5.20 -5.95 -5.04
CA GLY A 86 5.42 -7.32 -4.54
C GLY A 86 6.88 -7.73 -4.72
N PRO A 87 7.58 -8.17 -3.66
CA PRO A 87 8.98 -8.52 -3.78
C PRO A 87 9.26 -9.64 -4.79
N LEU A 88 10.44 -9.54 -5.36
CA LEU A 88 10.98 -10.49 -6.36
C LEU A 88 11.90 -11.47 -5.63
N PRO A 89 12.16 -12.65 -6.23
CA PRO A 89 13.04 -13.65 -5.64
C PRO A 89 14.38 -13.06 -5.23
N ASN A 90 14.87 -12.09 -6.00
CA ASN A 90 16.15 -11.44 -5.65
C ASN A 90 15.97 -10.14 -4.84
N THR A 91 14.76 -9.68 -4.48
CA THR A 91 14.62 -8.45 -3.61
C THR A 91 13.98 -8.76 -2.25
N VAL A 92 13.74 -10.03 -1.92
CA VAL A 92 13.09 -10.36 -0.61
C VAL A 92 13.97 -9.83 0.52
N GLY A 93 15.28 -10.00 0.44
CA GLY A 93 16.17 -9.50 1.52
C GLY A 93 16.16 -7.98 1.62
N HIS A 94 16.07 -7.27 0.47
CA HIS A 94 15.96 -5.77 0.42
C HIS A 94 14.64 -5.32 1.07
N PHE A 95 13.56 -6.03 0.79
CA PHE A 95 12.22 -5.71 1.35
C PHE A 95 12.33 -5.68 2.88
N TRP A 96 12.88 -6.73 3.49
CA TRP A 96 12.90 -6.81 4.98
C TRP A 96 13.94 -5.82 5.56
N GLU A 97 15.03 -5.56 4.84
CA GLU A 97 15.97 -4.48 5.21
C GLU A 97 15.22 -3.15 5.30
N MET A 98 14.38 -2.84 4.32
CA MET A 98 13.61 -1.58 4.32
C MET A 98 12.69 -1.58 5.54
N VAL A 99 11.93 -2.65 5.77
CA VAL A 99 11.00 -2.68 6.93
C VAL A 99 11.81 -2.34 8.20
N TRP A 100 12.99 -2.94 8.33
CA TRP A 100 13.85 -2.73 9.53
C TRP A 100 14.30 -1.27 9.60
N GLU A 101 14.93 -0.77 8.53
CA GLU A 101 15.55 0.59 8.53
C GLU A 101 14.48 1.66 8.72
N GLN A 102 13.25 1.46 8.23
CA GLN A 102 12.20 2.51 8.29
C GLN A 102 11.37 2.44 9.58
N LYS A 103 11.59 1.40 10.39
CA LYS A 103 10.89 1.14 11.69
C LYS A 103 9.38 0.99 11.48
N SER A 104 8.94 0.27 10.45
CA SER A 104 7.51 -0.07 10.21
C SER A 104 7.04 -1.08 11.27
N ARG A 105 5.77 -1.00 11.67
CA ARG A 105 5.08 -1.96 12.59
C ARG A 105 4.22 -2.92 11.76
N GLY A 106 3.76 -2.47 10.58
CA GLY A 106 2.78 -3.22 9.78
C GLY A 106 3.20 -3.36 8.32
N VAL A 107 2.91 -4.52 7.74
CA VAL A 107 3.00 -4.78 6.27
C VAL A 107 1.57 -5.13 5.85
N VAL A 108 1.00 -4.40 4.89
CA VAL A 108 -0.35 -4.64 4.32
C VAL A 108 -0.19 -5.25 2.91
N MET A 109 -0.73 -6.45 2.68
CA MET A 109 -0.58 -7.20 1.42
C MET A 109 -1.97 -7.34 0.81
N LEU A 110 -2.17 -6.89 -0.44
CA LEU A 110 -3.54 -6.84 -1.02
C LEU A 110 -3.71 -7.81 -2.19
N ASN A 111 -2.74 -8.69 -2.40
CA ASN A 111 -2.77 -9.68 -3.51
C ASN A 111 -2.49 -11.09 -2.95
N ARG A 112 -2.75 -12.11 -3.76
CA ARG A 112 -2.39 -13.52 -3.49
C ARG A 112 -1.08 -13.75 -4.22
N VAL A 113 -0.29 -14.71 -3.74
CA VAL A 113 1.03 -15.05 -4.35
C VAL A 113 0.84 -15.51 -5.81
N MET A 114 -0.23 -16.24 -6.09
CA MET A 114 -0.63 -16.60 -7.48
C MET A 114 -2.03 -16.05 -7.77
N GLU A 115 -2.16 -15.31 -8.88
CA GLU A 115 -3.48 -14.84 -9.40
C GLU A 115 -3.51 -15.07 -10.91
N LYS A 116 -4.69 -15.41 -11.44
CA LYS A 116 -4.82 -15.59 -12.91
C LYS A 116 -3.75 -16.58 -13.43
N GLY A 117 -3.38 -17.57 -12.62
CA GLY A 117 -2.41 -18.64 -12.95
C GLY A 117 -0.97 -18.19 -13.09
N SER A 118 -0.58 -17.00 -12.61
CA SER A 118 0.84 -16.50 -12.69
C SER A 118 1.30 -16.00 -11.30
N LEU A 119 2.59 -15.96 -11.07
CA LEU A 119 3.16 -15.51 -9.78
C LEU A 119 3.19 -13.97 -9.74
N LYS A 120 2.49 -13.38 -8.78
CA LYS A 120 2.36 -11.91 -8.62
C LYS A 120 3.38 -11.36 -7.62
N CYS A 121 3.89 -12.22 -6.72
CA CYS A 121 5.03 -11.89 -5.82
C CYS A 121 5.62 -13.14 -5.15
N ALA A 122 6.83 -13.02 -4.67
CA ALA A 122 7.61 -14.10 -4.05
C ALA A 122 6.93 -14.47 -2.72
N GLN A 123 7.15 -15.71 -2.26
CA GLN A 123 6.69 -16.19 -0.94
C GLN A 123 7.71 -15.66 0.06
N TYR A 124 7.52 -14.45 0.61
CA TYR A 124 8.58 -13.65 1.29
C TYR A 124 8.48 -13.81 2.82
N TRP A 125 7.52 -14.59 3.33
CA TRP A 125 7.33 -14.83 4.79
C TRP A 125 7.20 -16.33 5.04
N PRO A 126 7.58 -16.82 6.24
CA PRO A 126 7.53 -18.26 6.56
C PRO A 126 6.09 -18.74 6.81
N GLN A 127 5.76 -19.92 6.26
CA GLN A 127 4.41 -20.54 6.38
C GLN A 127 4.32 -21.45 7.60
N LYS A 128 5.43 -21.83 8.23
CA LYS A 128 5.38 -22.68 9.45
C LYS A 128 6.29 -22.10 10.53
N GLU A 129 5.78 -22.10 11.76
CA GLU A 129 6.52 -21.65 12.98
C GLU A 129 7.93 -22.24 12.96
N GLU A 130 8.08 -23.55 12.69
CA GLU A 130 9.40 -24.22 12.91
C GLU A 130 10.32 -24.12 11.69
N LYS A 131 9.91 -23.43 10.63
CA LYS A 131 10.75 -23.24 9.41
C LYS A 131 10.98 -21.73 9.17
N GLU A 132 11.91 -21.16 9.90
CA GLU A 132 12.18 -19.70 9.83
C GLU A 132 12.99 -19.40 8.55
N MET A 133 13.11 -18.13 8.18
CA MET A 133 13.78 -17.72 6.92
C MET A 133 14.99 -16.88 7.30
N ILE A 134 16.11 -17.13 6.64
CA ILE A 134 17.33 -16.30 6.82
C ILE A 134 17.67 -15.63 5.48
N PHE A 135 17.93 -14.32 5.52
CA PHE A 135 18.20 -13.49 4.32
C PHE A 135 19.67 -13.15 4.44
N GLU A 136 20.53 -13.88 3.71
CA GLU A 136 22.00 -13.83 4.00
C GLU A 136 22.55 -12.50 3.51
N ASP A 137 22.11 -12.05 2.33
CA ASP A 137 22.50 -10.75 1.72
C ASP A 137 22.23 -9.57 2.68
N THR A 138 21.20 -9.54 3.53
CA THR A 138 20.93 -8.37 4.42
C THR A 138 21.11 -8.74 5.90
N ASN A 139 21.46 -10.00 6.21
CA ASN A 139 21.74 -10.44 7.61
C ASN A 139 20.52 -10.29 8.53
N LEU A 140 19.35 -10.80 8.09
CA LEU A 140 18.07 -10.74 8.87
C LEU A 140 17.51 -12.17 9.03
N LYS A 141 16.81 -12.42 10.15
CA LYS A 141 16.03 -13.67 10.34
C LYS A 141 14.56 -13.33 10.59
N LEU A 142 13.68 -14.12 9.98
CA LEU A 142 12.23 -13.91 10.06
C LEU A 142 11.56 -15.21 10.52
N THR A 143 10.72 -15.13 11.56
CA THR A 143 10.01 -16.30 12.17
C THR A 143 8.53 -16.05 12.25
N LEU A 144 7.72 -17.00 11.79
CA LEU A 144 6.25 -16.93 12.02
C LEU A 144 5.97 -17.24 13.50
N ILE A 145 5.28 -16.33 14.20
CA ILE A 145 4.96 -16.43 15.66
C ILE A 145 3.54 -16.99 15.77
N SER A 146 2.60 -16.49 14.97
CA SER A 146 1.19 -16.89 15.05
C SER A 146 0.46 -16.42 13.80
N GLU A 147 -0.70 -17.02 13.55
CA GLU A 147 -1.46 -16.85 12.30
C GLU A 147 -2.94 -16.92 12.69
N ASP A 148 -3.76 -15.98 12.24
CA ASP A 148 -5.22 -15.89 12.53
C ASP A 148 -5.97 -15.75 11.19
N ILE A 149 -6.55 -16.85 10.72
CA ILE A 149 -7.19 -16.94 9.36
C ILE A 149 -8.69 -16.68 9.48
N LYS A 150 -9.19 -15.62 8.84
CA LYS A 150 -10.63 -15.24 8.83
C LYS A 150 -11.11 -15.42 7.41
N SER A 151 -12.39 -15.14 7.17
CA SER A 151 -13.03 -15.37 5.85
C SER A 151 -12.45 -14.41 4.80
N TYR A 152 -12.19 -13.13 5.13
CA TYR A 152 -11.81 -12.14 4.10
C TYR A 152 -10.30 -11.80 4.17
N TYR A 153 -9.65 -12.17 5.28
CA TYR A 153 -8.25 -11.75 5.54
C TYR A 153 -7.58 -12.69 6.55
N THR A 154 -6.25 -12.65 6.60
CA THR A 154 -5.40 -13.35 7.57
C THR A 154 -4.49 -12.30 8.23
N VAL A 155 -4.32 -12.35 9.55
CA VAL A 155 -3.33 -11.55 10.30
C VAL A 155 -2.25 -12.48 10.81
N ARG A 156 -0.98 -12.12 10.59
CA ARG A 156 0.16 -12.88 11.12
C ARG A 156 1.04 -12.01 12.01
N GLN A 157 1.57 -12.62 13.07
CA GLN A 157 2.60 -12.03 13.95
C GLN A 157 3.94 -12.62 13.53
N LEU A 158 4.91 -11.76 13.20
CA LEU A 158 6.25 -12.18 12.70
C LEU A 158 7.28 -11.57 13.64
N GLU A 159 8.39 -12.24 13.78
CA GLU A 159 9.52 -11.72 14.54
C GLU A 159 10.66 -11.50 13.55
N LEU A 160 11.16 -10.26 13.51
CA LEU A 160 12.25 -9.76 12.64
C LEU A 160 13.50 -9.55 13.51
N GLU A 161 14.56 -10.32 13.28
CA GLU A 161 15.82 -10.19 14.05
C GLU A 161 16.90 -9.67 13.12
N ASN A 162 17.51 -8.57 13.54
CA ASN A 162 18.77 -8.06 12.93
C ASN A 162 19.93 -8.92 13.46
N LEU A 163 20.46 -9.81 12.62
CA LEU A 163 21.43 -10.84 13.07
C LEU A 163 22.75 -10.16 13.45
N THR A 164 22.93 -8.91 13.02
CA THR A 164 24.16 -8.11 13.26
C THR A 164 24.22 -7.69 14.73
N THR A 165 23.08 -7.28 15.32
CA THR A 165 22.97 -6.67 16.67
C THR A 165 22.09 -7.51 17.61
N GLN A 166 21.37 -8.49 17.10
CA GLN A 166 20.51 -9.37 17.91
C GLN A 166 19.33 -8.59 18.52
N GLU A 167 19.04 -7.40 17.98
CA GLU A 167 17.79 -6.64 18.27
C GLU A 167 16.59 -7.40 17.67
N THR A 168 15.41 -7.30 18.30
CA THR A 168 14.18 -8.02 17.90
C THR A 168 12.96 -7.10 17.95
N ARG A 169 12.06 -7.25 16.97
CA ARG A 169 10.76 -6.53 16.88
C ARG A 169 9.69 -7.49 16.37
N GLU A 170 8.45 -7.32 16.86
CA GLU A 170 7.24 -7.96 16.32
C GLU A 170 6.71 -7.10 15.15
N ILE A 171 6.52 -7.71 13.98
CA ILE A 171 5.86 -7.05 12.81
C ILE A 171 4.52 -7.75 12.54
N LEU A 172 3.47 -6.97 12.32
CA LEU A 172 2.14 -7.50 11.97
C LEU A 172 2.00 -7.54 10.42
N HIS A 173 1.57 -8.68 9.87
CA HIS A 173 1.26 -8.91 8.44
C HIS A 173 -0.25 -8.98 8.29
N PHE A 174 -0.83 -8.02 7.58
CA PHE A 174 -2.27 -7.95 7.29
C PHE A 174 -2.47 -8.30 5.82
N HIS A 175 -3.06 -9.47 5.56
CA HIS A 175 -3.17 -10.07 4.19
C HIS A 175 -4.63 -10.12 3.79
N TYR A 176 -5.02 -9.22 2.89
CA TYR A 176 -6.37 -9.21 2.27
C TYR A 176 -6.36 -10.26 1.17
N THR A 177 -7.14 -11.33 1.34
CA THR A 177 -6.96 -12.56 0.52
C THR A 177 -8.06 -12.77 -0.53
N THR A 178 -8.90 -11.78 -0.83
CA THR A 178 -9.98 -11.96 -1.86
C THR A 178 -10.19 -10.72 -2.74
N TRP A 179 -9.12 -10.12 -3.29
CA TRP A 179 -9.21 -8.96 -4.23
C TRP A 179 -8.69 -9.34 -5.61
N PRO A 180 -9.54 -9.37 -6.67
CA PRO A 180 -9.13 -9.81 -8.00
C PRO A 180 -8.22 -8.78 -8.70
N ASP A 181 -7.36 -9.25 -9.61
CA ASP A 181 -6.37 -8.38 -10.30
C ASP A 181 -7.12 -7.39 -11.17
N PHE A 182 -6.85 -6.10 -10.99
CA PHE A 182 -7.54 -4.97 -11.68
C PHE A 182 -9.03 -5.05 -11.35
N GLY A 183 -9.40 -5.89 -10.39
CA GLY A 183 -10.78 -6.03 -9.88
C GLY A 183 -11.05 -5.06 -8.74
N VAL A 184 -12.25 -5.11 -8.17
CA VAL A 184 -12.66 -4.26 -7.01
C VAL A 184 -12.90 -5.17 -5.81
N PRO A 185 -12.49 -4.77 -4.59
CA PRO A 185 -12.62 -5.62 -3.42
C PRO A 185 -14.11 -5.77 -3.08
N GLU A 186 -14.83 -6.57 -3.86
CA GLU A 186 -16.23 -6.94 -3.55
C GLU A 186 -17.02 -5.65 -3.30
N SER A 187 -17.56 -5.47 -2.09
CA SER A 187 -18.36 -4.30 -1.65
C SER A 187 -17.65 -3.61 -0.50
N PRO A 188 -17.91 -2.30 -0.27
CA PRO A 188 -17.13 -1.53 0.69
C PRO A 188 -16.97 -2.24 2.04
N ALA A 189 -17.89 -3.14 2.41
CA ALA A 189 -17.97 -3.72 3.77
C ALA A 189 -16.69 -4.49 4.12
N SER A 190 -16.26 -5.48 3.34
CA SER A 190 -15.09 -6.33 3.75
C SER A 190 -13.78 -5.52 3.73
N PHE A 191 -13.62 -4.68 2.70
CA PHE A 191 -12.47 -3.74 2.55
C PHE A 191 -12.35 -2.87 3.80
N LEU A 192 -13.42 -2.13 4.09
CA LEU A 192 -13.46 -1.19 5.27
C LEU A 192 -13.23 -1.94 6.57
N ASN A 193 -13.88 -3.09 6.74
CA ASN A 193 -13.61 -3.97 7.91
C ASN A 193 -12.10 -4.23 8.02
N PHE A 194 -11.42 -4.55 6.90
CA PHE A 194 -9.97 -4.85 6.89
C PHE A 194 -9.19 -3.57 7.26
N LEU A 195 -9.55 -2.43 6.66
CA LEU A 195 -8.85 -1.13 6.96
C LEU A 195 -8.91 -0.83 8.48
N PHE A 196 -10.06 -1.02 9.11
CA PHE A 196 -10.26 -0.70 10.55
C PHE A 196 -9.44 -1.65 11.42
N LYS A 197 -9.22 -2.89 10.97
CA LYS A 197 -8.36 -3.87 11.70
C LYS A 197 -6.90 -3.41 11.67
N VAL A 198 -6.44 -2.91 10.50
CA VAL A 198 -5.05 -2.36 10.39
C VAL A 198 -4.93 -1.15 11.36
N ARG A 199 -5.91 -0.25 11.35
CA ARG A 199 -5.88 1.00 12.20
C ARG A 199 -5.79 0.62 13.68
N GLU A 200 -6.59 -0.37 14.11
CA GLU A 200 -6.72 -0.76 15.54
C GLU A 200 -5.43 -1.45 16.04
N SER A 201 -4.62 -1.97 15.12
CA SER A 201 -3.31 -2.59 15.47
C SER A 201 -2.27 -1.57 15.96
N GLY A 202 -2.43 -0.27 15.70
CA GLY A 202 -1.35 0.73 15.89
C GLY A 202 -0.41 0.87 14.69
N SER A 203 -0.56 0.06 13.65
CA SER A 203 0.37 0.01 12.50
C SER A 203 0.46 1.35 11.72
N LEU A 204 -0.62 2.16 11.73
CA LEU A 204 -0.75 3.42 10.95
C LEU A 204 -0.44 4.66 11.82
N SER A 205 -0.03 4.47 13.06
CA SER A 205 0.10 5.57 14.04
C SER A 205 1.51 6.19 14.05
N PRO A 206 1.59 7.50 14.42
CA PRO A 206 2.84 8.25 14.31
C PRO A 206 3.95 7.83 15.25
N GLU A 207 3.67 7.01 16.27
CA GLU A 207 4.73 6.48 17.13
C GLU A 207 5.58 5.42 16.39
N HIS A 208 5.09 4.97 15.23
CA HIS A 208 5.77 3.94 14.39
C HIS A 208 6.17 4.58 13.04
N GLY A 209 7.26 4.09 12.46
CA GLY A 209 7.61 4.36 11.06
C GLY A 209 6.46 4.00 10.12
N PRO A 210 6.48 4.45 8.85
CA PRO A 210 5.32 4.30 7.96
C PRO A 210 5.00 2.81 7.68
N VAL A 211 3.69 2.50 7.60
CA VAL A 211 3.20 1.18 7.13
C VAL A 211 3.76 0.91 5.73
N VAL A 212 4.13 -0.34 5.47
CA VAL A 212 4.52 -0.79 4.10
C VAL A 212 3.29 -1.40 3.45
N VAL A 213 2.83 -0.85 2.32
CA VAL A 213 1.69 -1.42 1.56
C VAL A 213 2.09 -1.87 0.15
N HIS A 214 1.66 -3.08 -0.24
CA HIS A 214 1.95 -3.63 -1.59
C HIS A 214 0.80 -4.43 -2.16
N CYS A 215 0.77 -4.49 -3.50
CA CYS A 215 -0.02 -5.48 -4.28
C CYS A 215 0.98 -6.13 -5.24
N SER A 216 0.68 -6.30 -6.52
CA SER A 216 1.73 -6.74 -7.46
C SER A 216 2.63 -5.56 -7.90
N ALA A 217 2.06 -4.51 -8.48
CA ALA A 217 2.88 -3.35 -8.94
C ALA A 217 2.99 -2.26 -7.84
N GLY A 218 2.14 -2.28 -6.83
CA GLY A 218 2.15 -1.26 -5.75
C GLY A 218 1.51 0.07 -6.17
N ILE A 219 0.51 0.07 -7.06
CA ILE A 219 -0.17 1.33 -7.49
C ILE A 219 -1.69 1.22 -7.51
N GLY A 220 -2.24 0.04 -7.85
CA GLY A 220 -3.69 -0.14 -8.07
C GLY A 220 -4.44 -0.31 -6.77
N ARG A 221 -4.48 -1.54 -6.27
CA ARG A 221 -5.13 -1.88 -4.98
C ARG A 221 -4.46 -1.07 -3.86
N SER A 222 -3.12 -1.00 -3.86
CA SER A 222 -2.33 -0.22 -2.87
C SER A 222 -2.83 1.23 -2.85
N GLY A 223 -3.06 1.82 -4.03
CA GLY A 223 -3.57 3.19 -4.17
C GLY A 223 -4.93 3.33 -3.52
N THR A 224 -5.80 2.34 -3.72
CA THR A 224 -7.18 2.35 -3.17
C THR A 224 -7.12 2.40 -1.64
N PHE A 225 -6.23 1.62 -1.05
CA PHE A 225 -6.14 1.50 0.41
C PHE A 225 -5.74 2.86 1.00
N CYS A 226 -4.67 3.51 0.50
CA CYS A 226 -4.17 4.72 1.19
C CYS A 226 -5.08 5.94 0.86
N LEU A 227 -5.70 6.01 -0.31
CA LEU A 227 -6.67 7.06 -0.69
C LEU A 227 -7.89 7.00 0.25
N ALA A 228 -8.40 5.81 0.51
CA ALA A 228 -9.61 5.65 1.34
C ALA A 228 -9.26 6.02 2.77
N ASP A 229 -8.14 5.55 3.32
CA ASP A 229 -7.67 5.85 4.69
C ASP A 229 -7.52 7.39 4.89
N THR A 230 -6.83 8.07 3.98
CA THR A 230 -6.50 9.51 4.08
C THR A 230 -7.79 10.35 3.98
N CYS A 231 -8.68 10.10 3.03
CA CYS A 231 -9.97 10.83 2.87
C CYS A 231 -10.83 10.69 4.15
N LEU A 232 -10.93 9.50 4.73
CA LEU A 232 -11.69 9.29 5.99
C LEU A 232 -11.04 10.07 7.14
N LEU A 233 -9.72 10.07 7.23
CA LEU A 233 -8.98 10.82 8.29
C LEU A 233 -9.27 12.32 8.14
N LEU A 234 -9.23 12.86 6.91
CA LEU A 234 -9.48 14.32 6.68
C LEU A 234 -10.92 14.70 7.09
N MET A 235 -11.90 13.83 6.84
CA MET A 235 -13.30 14.05 7.31
C MET A 235 -13.29 14.18 8.84
N ASP A 236 -12.52 13.34 9.54
CA ASP A 236 -12.40 13.30 11.02
C ASP A 236 -11.67 14.55 11.54
N LYS A 237 -10.41 14.78 11.10
CA LYS A 237 -9.53 15.84 11.67
C LYS A 237 -10.34 17.14 11.83
N ARG A 238 -11.22 17.43 10.88
CA ARG A 238 -12.05 18.67 10.89
C ARG A 238 -13.54 18.34 11.12
N LYS A 239 -13.93 17.07 11.05
CA LYS A 239 -15.32 16.60 11.30
C LYS A 239 -16.29 17.37 10.40
N ASP A 240 -15.78 17.94 9.31
CA ASP A 240 -16.55 18.60 8.23
C ASP A 240 -16.45 17.73 6.99
N PRO A 241 -17.37 16.76 6.79
CA PRO A 241 -17.28 15.78 5.72
C PRO A 241 -17.21 16.36 4.30
N SER A 242 -17.98 17.43 4.05
CA SER A 242 -18.05 18.19 2.78
C SER A 242 -16.68 18.70 2.31
N SER A 243 -15.76 19.00 3.24
CA SER A 243 -14.43 19.61 2.93
C SER A 243 -13.41 18.58 2.42
N VAL A 244 -13.86 17.53 1.73
CA VAL A 244 -12.98 16.44 1.21
C VAL A 244 -13.23 16.28 -0.30
N ASP A 245 -12.22 16.55 -1.12
CA ASP A 245 -12.30 16.32 -2.58
C ASP A 245 -11.43 15.11 -2.94
N ILE A 246 -12.03 13.95 -3.15
CA ILE A 246 -11.27 12.68 -3.38
C ILE A 246 -10.32 12.84 -4.59
N LYS A 247 -10.74 13.49 -5.67
CA LYS A 247 -9.92 13.66 -6.90
C LYS A 247 -8.68 14.51 -6.55
N LYS A 248 -8.82 15.48 -5.66
CA LYS A 248 -7.68 16.36 -5.27
C LYS A 248 -6.72 15.63 -4.33
N VAL A 249 -7.23 14.79 -3.45
CA VAL A 249 -6.36 13.95 -2.60
C VAL A 249 -5.59 12.98 -3.51
N LEU A 250 -6.24 12.36 -4.50
CA LEU A 250 -5.55 11.40 -5.41
C LEU A 250 -4.41 12.11 -6.16
N LEU A 251 -4.68 13.28 -6.72
CA LEU A 251 -3.61 14.02 -7.43
C LEU A 251 -2.48 14.41 -6.49
N GLU A 252 -2.77 14.76 -5.23
CA GLU A 252 -1.71 15.03 -4.23
C GLU A 252 -0.84 13.78 -4.01
N MET A 253 -1.48 12.62 -3.85
CA MET A 253 -0.79 11.32 -3.63
C MET A 253 0.07 10.97 -4.85
N ARG A 254 -0.40 11.30 -6.04
CA ARG A 254 0.30 11.01 -7.32
C ARG A 254 1.54 11.91 -7.51
N LYS A 255 1.74 12.94 -6.68
CA LYS A 255 3.05 13.66 -6.70
C LYS A 255 4.16 12.74 -6.15
N PHE A 256 3.81 11.70 -5.36
CA PHE A 256 4.82 10.84 -4.67
C PHE A 256 5.05 9.50 -5.37
N ARG A 257 4.08 8.96 -6.11
CA ARG A 257 4.22 7.69 -6.87
C ARG A 257 3.24 7.71 -8.03
N MET A 258 3.73 7.33 -9.23
CA MET A 258 2.97 7.32 -10.49
C MET A 258 1.86 6.26 -10.45
N GLY A 259 0.75 6.53 -11.14
CA GLY A 259 -0.22 5.51 -11.56
C GLY A 259 -1.17 5.03 -10.47
N LEU A 260 -1.22 5.71 -9.32
CA LEU A 260 -2.06 5.26 -8.19
C LEU A 260 -3.51 5.29 -8.64
N ILE A 261 -4.19 4.16 -8.47
CA ILE A 261 -5.55 3.85 -8.99
C ILE A 261 -5.40 3.58 -10.49
N GLN A 262 -5.54 2.32 -10.89
CA GLN A 262 -5.14 1.81 -12.23
C GLN A 262 -6.31 1.80 -13.21
N THR A 263 -7.56 1.80 -12.72
CA THR A 263 -8.76 1.71 -13.59
C THR A 263 -9.85 2.67 -13.10
N ALA A 264 -10.78 2.99 -13.99
CA ALA A 264 -12.00 3.75 -13.65
C ALA A 264 -12.89 2.98 -12.67
N ASP A 265 -12.91 1.64 -12.66
CA ASP A 265 -13.65 0.87 -11.61
C ASP A 265 -13.01 1.03 -10.22
N GLN A 266 -11.67 1.01 -10.13
CA GLN A 266 -10.94 1.29 -8.86
C GLN A 266 -11.27 2.71 -8.35
N LEU A 267 -11.36 3.71 -9.23
CA LEU A 267 -11.78 5.09 -8.84
C LEU A 267 -13.20 5.05 -8.25
N ARG A 268 -14.16 4.47 -8.97
CA ARG A 268 -15.55 4.33 -8.48
C ARG A 268 -15.60 3.60 -7.13
N PHE A 269 -14.95 2.45 -7.00
CA PHE A 269 -14.87 1.69 -5.73
C PHE A 269 -14.30 2.58 -4.58
N SER A 270 -13.31 3.43 -4.85
CA SER A 270 -12.67 4.31 -3.83
C SER A 270 -13.73 5.26 -3.30
N TYR A 271 -14.53 5.83 -4.19
CA TYR A 271 -15.67 6.69 -3.82
C TYR A 271 -16.63 5.93 -2.92
N LEU A 272 -17.02 4.70 -3.31
CA LEU A 272 -18.01 3.90 -2.53
C LEU A 272 -17.47 3.68 -1.12
N ALA A 273 -16.19 3.30 -1.01
CA ALA A 273 -15.58 2.94 0.28
C ALA A 273 -15.59 4.18 1.19
N VAL A 274 -15.24 5.35 0.67
CA VAL A 274 -15.19 6.61 1.47
C VAL A 274 -16.63 6.99 1.91
N ILE A 275 -17.57 6.95 0.98
CA ILE A 275 -18.99 7.33 1.28
C ILE A 275 -19.56 6.39 2.36
N GLU A 276 -19.40 5.08 2.22
CA GLU A 276 -19.92 4.10 3.21
C GLU A 276 -19.14 4.23 4.52
N GLY A 277 -17.82 4.46 4.49
CA GLY A 277 -17.02 4.55 5.72
C GLY A 277 -17.37 5.82 6.50
N ALA A 278 -17.76 6.89 5.83
CA ALA A 278 -18.11 8.17 6.48
C ALA A 278 -19.30 7.94 7.42
N LYS A 279 -20.22 7.04 7.07
CA LYS A 279 -21.40 6.71 7.91
C LYS A 279 -20.96 6.14 9.27
N PHE A 280 -19.67 5.81 9.50
CA PHE A 280 -19.08 5.53 10.85
C PHE A 280 -18.41 6.78 11.44
N ILE A 281 -17.45 7.36 10.71
CA ILE A 281 -16.68 8.61 11.07
C ILE A 281 -17.65 9.68 11.65
N MET A 282 -18.87 9.80 11.11
CA MET A 282 -19.81 10.89 11.48
C MET A 282 -20.73 10.44 12.63
N GLY A 283 -20.34 9.39 13.36
CA GLY A 283 -20.80 9.14 14.75
C GLY A 283 -21.67 7.90 14.91
N ASP A 284 -21.80 7.10 13.87
CA ASP A 284 -22.74 5.95 13.90
C ASP A 284 -22.00 4.75 14.53
C TRS B . 11.16 15.62 -0.70
C1 TRS B . 10.27 15.17 -1.86
C2 TRS B . 10.52 16.74 0.14
C3 TRS B . 12.49 16.10 -1.27
N TRS B . 11.43 14.44 0.21
O1 TRS B . 9.37 14.11 -1.54
O2 TRS B . 9.10 16.71 0.14
O3 TRS B . 13.11 15.09 -2.07
H11 TRS B . 10.84 14.88 -2.61
H12 TRS B . 9.74 15.94 -2.19
H21 TRS B . 10.82 17.61 -0.20
H22 TRS B . 10.82 16.65 1.07
H31 TRS B . 13.09 16.35 -0.52
H32 TRS B . 12.34 16.90 -1.81
HN1 TRS B . 12.32 14.38 0.40
HN2 TRS B . 11.18 13.66 -0.18
HN3 TRS B . 11.00 14.51 1.00
HO1 TRS B . 8.83 13.71 -1.98
HO2 TRS B . 8.51 17.12 0.38
HO3 TRS B . 13.02 14.33 -1.71
C5 8YM C . 7.86 -1.80 14.91
C4 8YM C . 8.68 -0.72 15.17
C2 8YM C . 9.11 -1.61 17.42
C6 8YM C . 7.66 -2.78 15.90
C 8YM C . 11.33 -1.76 18.77
O 8YM C . 9.27 -1.06 19.71
C1 8YM C . 9.84 -1.44 18.70
C10 8YM C . 4.28 -2.55 19.37
C11 8YM C . 3.77 -3.50 20.27
C12 8YM C . 4.55 -4.59 20.59
C13 8YM C . 5.84 -4.80 20.04
C14 8YM C . 6.61 -6.07 20.45
C3 8YM C . 9.31 -0.63 16.42
C7 8YM C . 8.28 -2.73 17.16
C8 8YM C . 6.34 -3.85 19.13
C9 8YM C . 5.55 -2.74 18.82
O1 8YM C . 5.95 -7.08 20.77
O2 8YM C . 7.87 -5.98 20.40
S 8YM C . 7.96 -4.03 18.36
H1 8YM C . 7.36 -1.87 13.94
H2 8YM C . 8.82 0.03 14.39
H3 8YM C . 7.01 -3.60 15.66
H4 8YM C . 11.88 -1.43 17.88
H5 8YM C . 11.54 -2.84 18.87
H6 8YM C . 11.82 -1.30 19.63
H7 8YM C . 3.66 -1.68 19.13
H8 8YM C . 2.78 -3.34 20.71
H9 8YM C . 4.12 -5.30 21.29
H10 8YM C . 9.95 0.23 16.58
H11 8YM C . 5.90 -1.99 18.13
#